data_6T3N
#
_entry.id   6T3N
#
_cell.length_a   89.895
_cell.length_b   95.271
_cell.length_c   217.844
_cell.angle_alpha   90.000
_cell.angle_beta   90.000
_cell.angle_gamma   90.000
#
_symmetry.space_group_name_H-M   'P 21 21 21'
#
loop_
_entity.id
_entity.type
_entity.pdbx_description
1 polymer 'Group IIC Intron Ribozyme'
2 non-polymer 'MAGNESIUM ION'
3 non-polymer 'SODIUM ION'
4 non-polymer '4-(2-HYDROXYETHYL)-1-PIPERAZINE ETHANESULFONIC ACID'
5 water water
#
_entity_poly.entity_id   1
_entity_poly.type   'polyribonucleotide'
_entity_poly.pdbx_seq_one_letter_code
;GGGGUUAUGUGUGCCCGGCAUGGGUGCAGUCUAUAGGGUGAGAGUCCCGAACUGUGAAGGCAGAAGUAACAGUUAGCCUA
ACGCAAGGGUGUCCGUGGCGACAUGGAAUCUGAAGGAAGCGGACGGCAAACCUUCGGUCUGAGGAACACGAACUUCAUAU
GAGGCUAGGUAUCAAUGGAUGAGUUUGCAUAACAAAACAAAGUCCUUUCUGCCAAAGUUGGUACAGAGUAAAUGAAGCAG
AUUGAUGAAGGGAAAGACUGCAUUCUUACCCGGGGAGGUCUGGAAACAGAAGUCAGGAGAAGUCAUAGUACCCUGUUCGC
AGGGGAAGGACGGAACAAGUAUGGCGUUCGCGCCUAAGCUUGAACGGCCGUAUACCGAACGGUACGUACGGUCGUGUG
;
_entity_poly.pdbx_strand_id   A
#